data_8C2F
#
_entry.id   8C2F
#
_cell.length_a   82.760
_cell.length_b   112.156
_cell.length_c   62.970
_cell.angle_alpha   90.00
_cell.angle_beta   90.00
_cell.angle_gamma   90.00
#
_symmetry.space_group_name_H-M   'C 2 2 21'
#
loop_
_entity.id
_entity.type
_entity.pdbx_description
1 polymer '14-3-3 protein sigma'
2 polymer ARG-ALA-HIS-SEP-CYS-PRO-ALA-SER-LEU-GLN
3 non-polymer 'ethyl 3-bromanyl-2-methyl-propanoate'
4 non-polymer 'MAGNESIUM ION'
5 non-polymer 'CHLORIDE ION'
6 water water
#
loop_
_entity_poly.entity_id
_entity_poly.type
_entity_poly.pdbx_seq_one_letter_code
_entity_poly.pdbx_strand_id
1 'polypeptide(L)'
;GAMGSMERASLIQKAKLAEQAERYEDMAAFMKGAVEKGEELSCEERNLLSVAYKNVVGGQRAAWRVLSSIEQKSNEEGSE
EKGPEVREYREKVETELQGVCDTVLGLLDSHLIKEAGDAESRVFYLKMKGDYYRYLAEVATGDDKKRIIDSARSAYQEAM
DISKKEMPPTNPIRLGLALNFSVFHYEIANSPEEAISLAKTTFDEAMADLHTLSEDSYKDSTLIMQLLRDNLTLWT
;
A
2 'polypeptide(L)' RAH(SEP)CPASLQ P
#
loop_
_chem_comp.id
_chem_comp.type
_chem_comp.name
_chem_comp.formula
CL non-polymer 'CHLORIDE ION' 'Cl -1'
MG non-polymer 'MAGNESIUM ION' 'Mg 2'
#
# COMPACT_ATOMS: atom_id res chain seq x y z
CA GLY A 1 7.26 -14.39 17.81
C GLY A 1 7.80 -15.79 17.45
N ALA A 2 7.09 -16.49 16.57
CA ALA A 2 7.45 -17.86 16.20
C ALA A 2 8.71 -17.88 15.33
N MET A 3 9.19 -16.71 14.91
CA MET A 3 10.35 -16.61 14.03
C MET A 3 11.58 -16.21 14.84
N GLY A 4 11.40 -16.11 16.16
CA GLY A 4 12.44 -15.58 17.04
C GLY A 4 13.72 -16.43 17.07
N SER A 5 13.66 -17.71 16.72
CA SER A 5 14.81 -18.58 16.80
C SER A 5 15.47 -18.82 15.44
N MET A 6 14.95 -18.24 14.35
CA MET A 6 15.54 -18.41 13.03
C MET A 6 16.44 -17.21 12.71
N GLU A 7 17.55 -17.48 12.01
CA GLU A 7 18.49 -16.47 11.57
C GLU A 7 17.84 -15.46 10.61
N ARG A 8 18.23 -14.20 10.78
CA ARG A 8 17.75 -13.15 9.92
C ARG A 8 17.90 -13.55 8.45
N ALA A 9 19.11 -13.98 8.05
CA ALA A 9 19.39 -14.28 6.65
C ALA A 9 18.55 -15.48 6.14
N SER A 10 18.27 -16.42 7.04
CA SER A 10 17.39 -17.55 6.74
C SER A 10 15.95 -17.10 6.47
N LEU A 11 15.42 -16.19 7.31
CA LEU A 11 14.08 -15.64 7.11
C LEU A 11 13.96 -14.95 5.75
N ILE A 12 14.98 -14.20 5.37
CA ILE A 12 14.97 -13.49 4.10
C ILE A 12 14.98 -14.53 2.99
N GLN A 13 15.85 -15.53 3.12
CA GLN A 13 15.96 -16.55 2.09
C GLN A 13 14.63 -17.24 1.92
N LYS A 14 13.95 -17.54 3.03
CA LYS A 14 12.69 -18.28 2.96
C LYS A 14 11.56 -17.41 2.43
N ALA A 15 11.63 -16.10 2.71
CA ALA A 15 10.68 -15.16 2.11
C ALA A 15 10.78 -15.20 0.59
N LYS A 16 11.99 -15.27 0.05
CA LYS A 16 12.15 -15.37 -1.39
C LYS A 16 11.59 -16.69 -1.92
N LEU A 17 11.73 -17.78 -1.18
CA LEU A 17 11.16 -19.06 -1.59
C LEU A 17 9.63 -18.99 -1.51
N ALA A 18 9.06 -18.32 -0.51
CA ALA A 18 7.62 -18.25 -0.38
C ALA A 18 7.03 -17.42 -1.50
N GLU A 19 7.76 -16.37 -1.92
CA GLU A 19 7.39 -15.57 -3.07
C GLU A 19 7.31 -16.45 -4.32
N GLN A 20 8.34 -17.25 -4.57
CA GLN A 20 8.36 -18.07 -5.78
C GLN A 20 7.24 -19.10 -5.73
N ALA A 21 6.88 -19.59 -4.54
CA ALA A 21 5.84 -20.60 -4.39
C ALA A 21 4.43 -19.98 -4.28
N GLU A 22 4.35 -18.65 -4.38
CA GLU A 22 3.10 -17.90 -4.20
C GLU A 22 2.49 -18.15 -2.81
N ARG A 23 3.32 -18.30 -1.78
CA ARG A 23 2.86 -18.49 -0.41
C ARG A 23 3.05 -17.21 0.41
N TYR A 24 2.12 -16.27 0.24
CA TYR A 24 2.29 -14.91 0.68
C TYR A 24 2.05 -14.74 2.18
N GLU A 25 1.17 -15.56 2.75
CA GLU A 25 1.02 -15.59 4.20
C GLU A 25 2.32 -16.01 4.88
N ASP A 26 2.91 -17.12 4.43
CA ASP A 26 4.24 -17.51 4.85
C ASP A 26 5.23 -16.37 4.63
N MET A 27 5.22 -15.79 3.44
CA MET A 27 6.20 -14.77 3.14
C MET A 27 6.08 -13.62 4.14
N ALA A 28 4.84 -13.28 4.49
CA ALA A 28 4.55 -12.16 5.36
C ALA A 28 5.05 -12.46 6.76
N ALA A 29 4.88 -13.71 7.25
CA ALA A 29 5.39 -14.06 8.57
C ALA A 29 6.93 -14.08 8.59
N PHE A 30 7.57 -14.54 7.52
CA PHE A 30 9.02 -14.53 7.51
C PHE A 30 9.57 -13.09 7.61
N MET A 31 8.94 -12.17 6.88
CA MET A 31 9.42 -10.79 6.80
C MET A 31 9.13 -10.04 8.09
N LYS A 32 7.99 -10.32 8.71
CA LYS A 32 7.71 -9.82 10.04
C LYS A 32 8.84 -10.28 10.97
N GLY A 33 9.10 -11.60 10.99
CA GLY A 33 10.24 -12.16 11.69
C GLY A 33 11.51 -11.34 11.44
N ALA A 34 11.79 -11.03 10.16
CA ALA A 34 13.04 -10.38 9.81
C ALA A 34 13.10 -8.96 10.37
N VAL A 35 11.98 -8.23 10.31
CA VAL A 35 11.87 -6.88 10.85
C VAL A 35 12.09 -6.87 12.37
N GLU A 36 11.52 -7.84 13.07
CA GLU A 36 11.59 -7.87 14.51
C GLU A 36 13.00 -8.18 15.05
N LYS A 37 13.96 -8.49 14.16
CA LYS A 37 15.36 -8.63 14.53
C LYS A 37 16.00 -7.29 14.85
N GLY A 38 15.37 -6.19 14.41
CA GLY A 38 15.72 -4.86 14.88
C GLY A 38 16.75 -4.16 14.01
N GLU A 39 17.28 -4.83 12.98
CA GLU A 39 18.16 -4.16 12.04
C GLU A 39 17.31 -3.53 10.93
N GLU A 40 17.78 -2.37 10.45
CA GLU A 40 17.15 -1.65 9.35
C GLU A 40 17.11 -2.56 8.11
N LEU A 41 16.18 -2.29 7.20
CA LEU A 41 16.03 -3.13 6.02
C LEU A 41 16.73 -2.45 4.84
N SER A 42 17.38 -3.27 4.01
CA SER A 42 17.86 -2.87 2.71
C SER A 42 16.69 -2.62 1.75
N CYS A 43 17.02 -2.07 0.59
CA CYS A 43 16.04 -1.82 -0.46
C CYS A 43 15.31 -3.11 -0.86
N GLU A 44 16.06 -4.17 -1.16
CA GLU A 44 15.46 -5.44 -1.54
C GLU A 44 14.53 -5.93 -0.42
N GLU A 45 14.96 -5.79 0.84
CA GLU A 45 14.22 -6.30 1.99
C GLU A 45 12.88 -5.56 2.15
N ARG A 46 12.88 -4.25 1.91
CA ARG A 46 11.65 -3.46 1.97
C ARG A 46 10.67 -3.94 0.89
N ASN A 47 11.18 -4.22 -0.30
CA ASN A 47 10.32 -4.66 -1.39
C ASN A 47 9.65 -5.95 -0.97
N LEU A 48 10.39 -6.88 -0.36
CA LEU A 48 9.80 -8.17 -0.02
C LEU A 48 8.69 -7.98 1.02
N LEU A 49 8.93 -7.10 1.98
CA LEU A 49 7.94 -6.81 3.01
C LEU A 49 6.64 -6.35 2.36
N SER A 50 6.79 -5.36 1.49
CA SER A 50 5.66 -4.70 0.85
C SER A 50 4.89 -5.68 -0.04
N VAL A 51 5.59 -6.45 -0.87
CA VAL A 51 4.96 -7.44 -1.71
C VAL A 51 4.16 -8.44 -0.85
N ALA A 52 4.71 -8.84 0.29
CA ALA A 52 4.11 -9.91 1.06
C ALA A 52 2.77 -9.45 1.61
N TYR A 53 2.74 -8.27 2.23
CA TYR A 53 1.56 -7.78 2.90
C TYR A 53 0.50 -7.28 1.92
N LYS A 54 0.93 -6.66 0.81
CA LYS A 54 -0.01 -6.24 -0.20
C LYS A 54 -0.72 -7.45 -0.78
N ASN A 55 -0.03 -8.56 -0.94
CA ASN A 55 -0.71 -9.73 -1.46
C ASN A 55 -1.70 -10.26 -0.42
N VAL A 56 -1.30 -10.36 0.85
CA VAL A 56 -2.21 -10.87 1.86
C VAL A 56 -3.44 -9.96 1.97
N VAL A 57 -3.23 -8.65 2.07
CA VAL A 57 -4.34 -7.73 2.27
C VAL A 57 -5.17 -7.62 0.98
N GLY A 58 -4.54 -7.81 -0.20
CA GLY A 58 -5.27 -7.74 -1.46
C GLY A 58 -6.35 -8.83 -1.56
N GLY A 59 -6.02 -10.04 -1.12
CA GLY A 59 -6.97 -11.14 -1.09
C GLY A 59 -8.12 -10.83 -0.14
N GLN A 60 -7.80 -10.22 1.00
CA GLN A 60 -8.80 -9.93 2.00
C GLN A 60 -9.77 -8.85 1.55
N ARG A 61 -9.22 -7.79 0.94
CA ARG A 61 -10.00 -6.65 0.46
C ARG A 61 -10.98 -7.10 -0.61
N ALA A 62 -10.52 -7.98 -1.48
CA ALA A 62 -11.33 -8.50 -2.58
C ALA A 62 -12.48 -9.36 -2.06
N ALA A 63 -12.23 -10.18 -1.03
CA ALA A 63 -13.26 -10.98 -0.37
C ALA A 63 -14.28 -10.06 0.29
N TRP A 64 -13.80 -9.05 1.01
CA TRP A 64 -14.64 -8.06 1.65
C TRP A 64 -15.61 -7.43 0.67
N ARG A 65 -15.12 -7.08 -0.53
CA ARG A 65 -15.93 -6.31 -1.47
C ARG A 65 -17.01 -7.24 -2.00
N VAL A 66 -16.62 -8.48 -2.31
CA VAL A 66 -17.61 -9.43 -2.76
C VAL A 66 -18.73 -9.50 -1.72
N LEU A 67 -18.37 -9.64 -0.44
CA LEU A 67 -19.35 -9.95 0.59
C LEU A 67 -20.16 -8.70 0.93
N SER A 68 -19.50 -7.56 0.92
CA SER A 68 -20.11 -6.29 1.25
C SER A 68 -21.21 -5.94 0.25
N SER A 69 -21.05 -6.32 -1.01
CA SER A 69 -22.10 -6.06 -2.00
C SER A 69 -23.21 -7.10 -1.93
N ILE A 70 -22.90 -8.37 -1.63
CA ILE A 70 -23.95 -9.32 -1.32
C ILE A 70 -24.81 -8.78 -0.17
N GLU A 71 -24.16 -8.17 0.82
CA GLU A 71 -24.88 -7.63 1.98
C GLU A 71 -25.80 -6.46 1.59
N GLN A 72 -25.32 -5.55 0.72
CA GLN A 72 -26.13 -4.39 0.34
C GLN A 72 -27.32 -4.84 -0.52
N LYS A 73 -27.11 -5.83 -1.39
CA LYS A 73 -28.18 -6.38 -2.21
C LYS A 73 -29.26 -7.04 -1.36
N SER A 74 -28.93 -7.47 -0.13
CA SER A 74 -29.89 -8.12 0.74
C SER A 74 -30.72 -7.12 1.56
N ASN A 75 -30.40 -5.81 1.46
CA ASN A 75 -31.24 -4.74 2.02
C ASN A 75 -31.86 -3.93 0.89
N GLU A 76 -32.90 -4.48 0.23
CA GLU A 76 -33.58 -3.82 -0.86
C GLU A 76 -35.04 -4.30 -0.94
N GLU A 80 -35.63 -10.65 0.53
CA GLU A 80 -36.11 -11.74 1.42
C GLU A 80 -35.13 -11.92 2.58
N GLU A 81 -35.66 -12.16 3.78
CA GLU A 81 -34.91 -12.21 5.02
C GLU A 81 -34.14 -13.53 5.11
N LYS A 82 -32.81 -13.45 5.19
CA LYS A 82 -31.98 -14.62 5.02
C LYS A 82 -31.30 -15.03 6.34
N GLY A 83 -31.30 -14.13 7.32
CA GLY A 83 -30.58 -14.34 8.58
C GLY A 83 -29.35 -13.44 8.68
N PRO A 84 -28.56 -13.57 9.76
CA PRO A 84 -27.35 -12.77 9.96
C PRO A 84 -26.05 -13.34 9.40
N GLU A 85 -26.13 -14.37 8.57
CA GLU A 85 -24.94 -15.09 8.14
C GLU A 85 -24.03 -14.20 7.29
N VAL A 86 -24.62 -13.47 6.32
CA VAL A 86 -23.87 -12.60 5.44
C VAL A 86 -23.10 -11.56 6.25
N ARG A 87 -23.80 -10.88 7.17
CA ARG A 87 -23.19 -9.90 8.05
C ARG A 87 -22.13 -10.54 8.93
N GLU A 88 -22.41 -11.70 9.53
CA GLU A 88 -21.43 -12.33 10.41
C GLU A 88 -20.14 -12.60 9.64
N TYR A 89 -20.29 -13.20 8.46
CA TYR A 89 -19.11 -13.57 7.72
C TYR A 89 -18.38 -12.31 7.22
N ARG A 90 -19.12 -11.27 6.80
CA ARG A 90 -18.49 -10.05 6.35
C ARG A 90 -17.70 -9.42 7.50
N GLU A 91 -18.23 -9.44 8.73
CA GLU A 91 -17.53 -8.97 9.93
C GLU A 91 -16.31 -9.84 10.24
N LYS A 92 -16.38 -11.12 9.95
CA LYS A 92 -15.25 -11.98 10.24
C LYS A 92 -14.10 -11.57 9.33
N VAL A 93 -14.40 -11.40 8.03
CA VAL A 93 -13.40 -11.05 7.03
C VAL A 93 -12.83 -9.67 7.36
N GLU A 94 -13.72 -8.72 7.65
CA GLU A 94 -13.38 -7.37 8.03
C GLU A 94 -12.39 -7.39 9.20
N THR A 95 -12.68 -8.23 10.20
CA THR A 95 -11.89 -8.26 11.43
C THR A 95 -10.49 -8.74 11.11
N GLU A 96 -10.37 -9.77 10.28
CA GLU A 96 -9.06 -10.26 9.90
C GLU A 96 -8.28 -9.19 9.14
N LEU A 97 -8.93 -8.55 8.17
CA LEU A 97 -8.35 -7.45 7.44
C LEU A 97 -7.75 -6.40 8.40
N GLN A 98 -8.52 -6.04 9.41
CA GLN A 98 -8.11 -5.01 10.34
C GLN A 98 -6.90 -5.47 11.15
N GLY A 99 -6.86 -6.76 11.49
CA GLY A 99 -5.73 -7.33 12.22
C GLY A 99 -4.45 -7.24 11.39
N VAL A 100 -4.54 -7.50 10.08
CA VAL A 100 -3.38 -7.39 9.21
C VAL A 100 -2.92 -5.93 9.05
N CYS A 101 -3.84 -4.98 8.83
CA CYS A 101 -3.43 -3.58 8.80
C CYS A 101 -2.81 -3.17 10.12
N ASP A 102 -3.38 -3.61 11.24
CA ASP A 102 -2.85 -3.29 12.54
C ASP A 102 -1.46 -3.88 12.74
N THR A 103 -1.22 -5.07 12.18
CA THR A 103 0.11 -5.68 12.27
C THR A 103 1.14 -4.80 11.56
N VAL A 104 0.85 -4.38 10.33
CA VAL A 104 1.79 -3.60 9.52
C VAL A 104 2.05 -2.26 10.21
N LEU A 105 0.98 -1.60 10.68
CA LEU A 105 1.06 -0.29 11.28
C LEU A 105 1.86 -0.35 12.57
N GLY A 106 1.77 -1.49 13.26
CA GLY A 106 2.60 -1.74 14.44
C GLY A 106 4.09 -1.91 14.10
N LEU A 107 4.42 -2.66 13.04
CA LEU A 107 5.80 -2.74 12.61
C LEU A 107 6.32 -1.34 12.27
N LEU A 108 5.51 -0.50 11.61
CA LEU A 108 5.94 0.83 11.19
C LEU A 108 6.25 1.70 12.40
N ASP A 109 5.36 1.64 13.39
CA ASP A 109 5.52 2.38 14.64
C ASP A 109 6.62 1.77 15.53
N SER A 110 6.99 0.49 15.35
CA SER A 110 7.96 -0.19 16.21
C SER A 110 8.93 -1.08 15.43
N HIS A 111 9.96 -0.53 14.76
CA HIS A 111 10.41 0.84 14.86
C HIS A 111 10.94 1.30 13.50
N LEU A 112 10.31 0.84 12.41
CA LEU A 112 10.79 1.13 11.07
C LEU A 112 10.82 2.64 10.82
N ILE A 113 9.74 3.37 11.14
CA ILE A 113 9.67 4.76 10.72
C ILE A 113 10.74 5.56 11.48
N LYS A 114 10.82 5.45 12.80
CA LYS A 114 11.69 6.35 13.55
C LYS A 114 13.18 6.11 13.25
N GLU A 115 13.54 4.88 12.82
CA GLU A 115 14.92 4.57 12.49
C GLU A 115 15.28 4.93 11.04
N ALA A 116 14.28 5.24 10.21
CA ALA A 116 14.48 5.60 8.80
C ALA A 116 14.98 7.04 8.67
N GLY A 117 16.26 7.22 8.35
CA GLY A 117 16.87 8.54 8.26
C GLY A 117 17.02 9.04 6.82
N ASP A 118 17.20 8.11 5.87
CA ASP A 118 17.32 8.46 4.47
C ASP A 118 15.93 8.63 3.86
N ALA A 119 15.82 9.61 2.95
CA ALA A 119 14.62 9.90 2.20
C ALA A 119 13.98 8.65 1.60
N GLU A 120 14.77 7.80 0.92
CA GLU A 120 14.21 6.68 0.18
C GLU A 120 13.46 5.75 1.15
N SER A 121 14.06 5.43 2.29
CA SER A 121 13.45 4.51 3.25
C SER A 121 12.27 5.21 3.96
N ARG A 122 12.42 6.51 4.21
CA ARG A 122 11.42 7.23 4.99
C ARG A 122 10.15 7.40 4.17
N VAL A 123 10.29 7.67 2.87
CA VAL A 123 9.18 7.85 1.96
C VAL A 123 8.47 6.51 1.82
N PHE A 124 9.26 5.48 1.64
CA PHE A 124 8.76 4.14 1.55
C PHE A 124 7.81 3.81 2.71
N TYR A 125 8.24 4.11 3.94
CA TYR A 125 7.50 3.67 5.11
C TYR A 125 6.27 4.54 5.32
N LEU A 126 6.39 5.84 5.01
CA LEU A 126 5.25 6.71 5.20
C LEU A 126 4.17 6.42 4.15
N LYS A 127 4.59 6.03 2.96
CA LYS A 127 3.66 5.58 1.93
C LYS A 127 2.93 4.32 2.39
N MET A 128 3.66 3.40 3.01
CA MET A 128 3.09 2.16 3.51
C MET A 128 2.06 2.47 4.59
N LYS A 129 2.39 3.43 5.43
CA LYS A 129 1.50 3.86 6.48
C LYS A 129 0.20 4.42 5.89
N GLY A 130 0.35 5.31 4.91
CA GLY A 130 -0.80 5.84 4.20
C GLY A 130 -1.69 4.75 3.62
N ASP A 131 -1.09 3.77 2.96
CA ASP A 131 -1.85 2.73 2.27
C ASP A 131 -2.63 1.87 3.25
N TYR A 132 -2.05 1.54 4.43
CA TYR A 132 -2.70 0.67 5.39
C TYR A 132 -3.81 1.40 6.15
N TYR A 133 -3.69 2.71 6.40
CA TYR A 133 -4.81 3.49 6.93
C TYR A 133 -5.92 3.62 5.88
N ARG A 134 -5.54 3.81 4.62
CA ARG A 134 -6.49 3.83 3.52
C ARG A 134 -7.29 2.54 3.46
N TYR A 135 -6.66 1.39 3.67
CA TYR A 135 -7.40 0.15 3.63
C TYR A 135 -8.32 0.03 4.83
N LEU A 136 -7.89 0.52 5.99
CA LEU A 136 -8.80 0.55 7.13
C LEU A 136 -9.97 1.47 6.79
N ALA A 137 -9.66 2.62 6.18
CA ALA A 137 -10.71 3.59 5.89
C ALA A 137 -11.77 2.98 4.98
N GLU A 138 -11.36 2.11 4.05
CA GLU A 138 -12.30 1.51 3.11
C GLU A 138 -13.41 0.73 3.81
N VAL A 139 -13.18 0.24 5.04
CA VAL A 139 -14.14 -0.60 5.74
C VAL A 139 -14.71 0.12 6.96
N ALA A 140 -14.17 1.28 7.31
CA ALA A 140 -14.60 2.00 8.50
C ALA A 140 -15.99 2.59 8.27
N THR A 141 -16.83 2.56 9.31
CA THR A 141 -18.17 3.14 9.28
C THR A 141 -18.35 4.07 10.47
N GLY A 142 -18.18 3.51 11.69
CA GLY A 142 -18.18 4.26 12.93
C GLY A 142 -17.14 5.38 12.91
N ASP A 144 -14.53 7.45 14.26
CA ASP A 144 -13.54 6.44 13.78
C ASP A 144 -13.08 6.80 12.36
N LYS A 145 -14.03 6.88 11.43
CA LYS A 145 -13.69 6.97 10.02
C LYS A 145 -12.89 8.24 9.75
N LYS A 146 -13.36 9.37 10.28
CA LYS A 146 -12.74 10.66 10.04
C LYS A 146 -11.31 10.66 10.58
N ARG A 147 -11.04 10.03 11.74
CA ARG A 147 -9.70 10.00 12.30
C ARG A 147 -8.77 9.17 11.41
N ILE A 148 -9.28 8.04 10.91
CA ILE A 148 -8.53 7.13 10.08
C ILE A 148 -8.14 7.83 8.78
N ILE A 149 -9.11 8.54 8.18
CA ILE A 149 -8.90 9.27 6.95
C ILE A 149 -7.82 10.34 7.14
N ASP A 150 -7.84 11.03 8.28
CA ASP A 150 -6.84 12.06 8.53
C ASP A 150 -5.46 11.44 8.74
N SER A 151 -5.39 10.27 9.38
CA SER A 151 -4.11 9.58 9.56
C SER A 151 -3.51 9.18 8.20
N ALA A 152 -4.33 8.64 7.28
CA ALA A 152 -3.90 8.38 5.92
C ALA A 152 -3.37 9.66 5.25
N ARG A 153 -4.19 10.72 5.19
CA ARG A 153 -3.84 11.97 4.54
C ARG A 153 -2.51 12.48 5.08
N SER A 154 -2.38 12.47 6.40
CA SER A 154 -1.21 12.98 7.07
C SER A 154 0.06 12.22 6.67
N ALA A 155 -0.01 10.89 6.60
CA ALA A 155 1.16 10.10 6.24
C ALA A 155 1.55 10.37 4.79
N TYR A 156 0.55 10.35 3.88
CA TYR A 156 0.78 10.55 2.45
C TYR A 156 1.41 11.91 2.15
N GLN A 157 0.90 12.95 2.81
CA GLN A 157 1.36 14.32 2.65
C GLN A 157 2.82 14.46 3.10
N GLU A 158 3.17 13.86 4.25
CA GLU A 158 4.53 13.91 4.77
C GLU A 158 5.47 13.24 3.76
N ALA A 159 5.06 12.08 3.25
CA ALA A 159 5.85 11.40 2.23
C ALA A 159 5.99 12.25 0.97
N MET A 160 4.93 12.95 0.53
CA MET A 160 4.98 13.80 -0.65
C MET A 160 5.96 14.95 -0.43
N ASP A 161 5.98 15.56 0.75
CA ASP A 161 6.88 16.67 1.01
C ASP A 161 8.33 16.19 0.90
N ILE A 162 8.66 15.03 1.49
CA ILE A 162 10.00 14.51 1.43
C ILE A 162 10.36 14.14 -0.01
N SER A 163 9.44 13.51 -0.73
CA SER A 163 9.75 13.04 -2.07
C SER A 163 9.93 14.22 -3.02
N LYS A 164 9.15 15.28 -2.83
CA LYS A 164 9.28 16.48 -3.66
C LYS A 164 10.68 17.07 -3.48
N LYS A 165 11.18 17.09 -2.24
CA LYS A 165 12.43 17.73 -1.89
C LYS A 165 13.65 16.88 -2.28
N GLU A 166 13.52 15.55 -2.28
CA GLU A 166 14.70 14.69 -2.13
C GLU A 166 14.87 13.71 -3.28
N MET A 167 13.90 13.62 -4.21
CA MET A 167 13.96 12.57 -5.22
C MET A 167 13.53 13.15 -6.56
N PRO A 168 14.09 12.63 -7.67
CA PRO A 168 13.74 13.13 -9.00
C PRO A 168 12.32 12.69 -9.39
N PRO A 169 11.63 13.47 -10.24
CA PRO A 169 10.21 13.24 -10.51
C PRO A 169 9.88 11.87 -11.11
N THR A 170 10.90 11.17 -11.61
CA THR A 170 10.73 9.89 -12.29
C THR A 170 11.05 8.73 -11.35
N ASN A 171 11.46 9.03 -10.14
CA ASN A 171 11.68 7.99 -9.16
C ASN A 171 10.42 7.12 -9.00
N PRO A 172 10.51 5.78 -9.18
CA PRO A 172 9.29 4.94 -9.18
C PRO A 172 8.44 4.99 -7.89
N ILE A 173 9.08 5.14 -6.73
CA ILE A 173 8.34 5.22 -5.48
C ILE A 173 7.64 6.58 -5.35
N ARG A 174 8.25 7.64 -5.89
CA ARG A 174 7.59 8.93 -5.94
C ARG A 174 6.36 8.85 -6.81
N LEU A 175 6.46 8.19 -7.96
CA LEU A 175 5.33 8.05 -8.87
C LEU A 175 4.24 7.18 -8.26
N GLY A 176 4.64 6.07 -7.62
CA GLY A 176 3.68 5.15 -7.02
C GLY A 176 2.99 5.76 -5.79
N LEU A 177 3.73 6.55 -5.03
CA LEU A 177 3.17 7.31 -3.93
C LEU A 177 2.06 8.22 -4.45
N ALA A 178 2.34 8.96 -5.54
CA ALA A 178 1.39 9.92 -6.06
C ALA A 178 0.17 9.21 -6.64
N LEU A 179 0.40 8.13 -7.37
CA LEU A 179 -0.71 7.33 -7.86
C LEU A 179 -1.64 6.91 -6.71
N ASN A 180 -1.07 6.36 -5.61
CA ASN A 180 -1.85 5.90 -4.47
C ASN A 180 -2.52 7.05 -3.71
N PHE A 181 -1.86 8.23 -3.66
CA PHE A 181 -2.42 9.37 -2.97
C PHE A 181 -3.61 9.89 -3.77
N SER A 182 -3.54 9.79 -5.10
CA SER A 182 -4.62 10.35 -5.89
C SER A 182 -5.82 9.40 -5.83
N VAL A 183 -5.59 8.08 -5.69
CA VAL A 183 -6.66 7.11 -5.50
C VAL A 183 -7.34 7.37 -4.15
N PHE A 184 -6.54 7.80 -3.15
CA PHE A 184 -7.05 8.23 -1.87
C PHE A 184 -8.04 9.38 -2.03
N HIS A 185 -7.60 10.45 -2.70
CA HIS A 185 -8.45 11.60 -2.94
C HIS A 185 -9.77 11.19 -3.61
N TYR A 186 -9.68 10.33 -4.63
CA TYR A 186 -10.84 10.01 -5.44
C TYR A 186 -11.81 9.08 -4.71
N GLU A 187 -11.31 8.00 -4.09
CA GLU A 187 -12.19 6.95 -3.60
C GLU A 187 -12.50 7.11 -2.12
N ILE A 188 -11.66 7.81 -1.35
CA ILE A 188 -11.78 7.81 0.10
C ILE A 188 -12.21 9.18 0.60
N ALA A 189 -11.57 10.24 0.10
CA ALA A 189 -11.75 11.57 0.66
C ALA A 189 -12.80 12.34 -0.13
N ASN A 190 -13.37 11.73 -1.17
CA ASN A 190 -14.41 12.39 -1.95
C ASN A 190 -13.90 13.71 -2.51
N SER A 191 -12.77 13.65 -3.25
CA SER A 191 -12.15 14.83 -3.85
C SER A 191 -11.66 14.51 -5.25
N PRO A 192 -12.58 14.23 -6.21
CA PRO A 192 -12.19 13.93 -7.60
C PRO A 192 -11.23 14.96 -8.20
N GLU A 193 -11.47 16.23 -7.86
CA GLU A 193 -10.71 17.31 -8.48
C GLU A 193 -9.28 17.29 -7.99
N GLU A 194 -9.08 16.97 -6.72
CA GLU A 194 -7.73 16.86 -6.18
C GLU A 194 -7.06 15.64 -6.81
N ALA A 195 -7.82 14.55 -7.01
CA ALA A 195 -7.23 13.33 -7.55
C ALA A 195 -6.71 13.56 -8.96
N ILE A 196 -7.53 14.19 -9.80
CA ILE A 196 -7.20 14.47 -11.18
C ILE A 196 -5.99 15.41 -11.24
N SER A 197 -6.03 16.49 -10.47
CA SER A 197 -4.95 17.46 -10.49
C SER A 197 -3.60 16.83 -10.13
N LEU A 198 -3.59 16.01 -9.08
CA LEU A 198 -2.35 15.39 -8.63
C LEU A 198 -1.84 14.42 -9.69
N ALA A 199 -2.71 13.59 -10.26
CA ALA A 199 -2.29 12.65 -11.28
C ALA A 199 -1.69 13.39 -12.48
N LYS A 200 -2.26 14.54 -12.86
CA LYS A 200 -1.84 15.29 -14.05
C LYS A 200 -0.46 15.93 -13.85
N THR A 201 -0.31 16.67 -12.75
CA THR A 201 0.96 17.28 -12.40
C THR A 201 2.06 16.25 -12.23
N THR A 202 1.75 15.10 -11.62
CA THR A 202 2.76 14.06 -11.47
C THR A 202 3.20 13.48 -12.83
N PHE A 203 2.25 13.22 -13.72
CA PHE A 203 2.58 12.70 -15.04
C PHE A 203 3.48 13.69 -15.78
N ASP A 204 3.06 14.97 -15.83
CA ASP A 204 3.77 16.00 -16.58
C ASP A 204 5.20 16.18 -16.08
N GLU A 205 5.40 16.20 -14.76
CA GLU A 205 6.73 16.38 -14.22
C GLU A 205 7.64 15.19 -14.53
N ALA A 206 7.10 13.97 -14.53
CA ALA A 206 7.89 12.79 -14.86
C ALA A 206 8.30 12.85 -16.32
N MET A 207 7.33 13.18 -17.20
CA MET A 207 7.53 13.25 -18.64
C MET A 207 8.75 14.11 -18.98
N ALA A 208 8.87 15.25 -18.29
CA ALA A 208 9.90 16.23 -18.56
C ALA A 208 11.24 15.86 -17.92
N ASP A 209 11.31 14.71 -17.24
CA ASP A 209 12.55 14.29 -16.61
C ASP A 209 13.06 12.97 -17.21
N LEU A 210 12.27 12.32 -18.09
CA LEU A 210 12.63 11.03 -18.68
C LEU A 210 14.00 11.08 -19.37
N HIS A 211 14.36 12.24 -19.96
CA HIS A 211 15.57 12.34 -20.76
C HIS A 211 16.82 12.07 -19.93
N THR A 212 16.70 12.03 -18.59
CA THR A 212 17.85 11.76 -17.74
C THR A 212 18.03 10.28 -17.44
N LEU A 213 17.02 9.45 -17.68
CA LEU A 213 17.07 8.04 -17.32
C LEU A 213 17.86 7.21 -18.34
N SER A 214 18.56 6.21 -17.83
CA SER A 214 19.05 5.10 -18.64
C SER A 214 17.86 4.28 -19.14
N GLU A 215 18.12 3.37 -20.06
CA GLU A 215 17.11 2.49 -20.64
C GLU A 215 16.34 1.72 -19.56
N ASP A 216 17.03 1.24 -18.52
CA ASP A 216 16.37 0.43 -17.49
C ASP A 216 15.47 1.30 -16.62
N SER A 217 15.99 2.46 -16.18
CA SER A 217 15.22 3.40 -15.40
C SER A 217 13.98 3.87 -16.16
N TYR A 218 14.18 4.11 -17.47
CA TYR A 218 13.14 4.53 -18.39
C TYR A 218 11.97 3.56 -18.39
N LYS A 219 12.27 2.25 -18.47
CA LYS A 219 11.26 1.20 -18.47
C LYS A 219 10.43 1.25 -17.18
N ASP A 220 11.11 1.37 -16.04
CA ASP A 220 10.48 1.32 -14.72
C ASP A 220 9.51 2.50 -14.54
N SER A 221 9.97 3.72 -14.82
CA SER A 221 9.14 4.90 -14.61
C SER A 221 7.90 4.89 -15.51
N THR A 222 8.07 4.48 -16.77
CA THR A 222 6.98 4.59 -17.74
C THR A 222 5.88 3.59 -17.42
N LEU A 223 6.21 2.48 -16.76
CA LEU A 223 5.20 1.51 -16.39
C LEU A 223 4.17 2.11 -15.44
N ILE A 224 4.59 2.88 -14.43
CA ILE A 224 3.62 3.39 -13.48
C ILE A 224 3.01 4.68 -14.02
N MET A 225 3.74 5.41 -14.88
CA MET A 225 3.18 6.55 -15.60
C MET A 225 1.95 6.12 -16.40
N GLN A 226 2.01 4.92 -17.01
CA GLN A 226 0.88 4.40 -17.75
C GLN A 226 -0.31 4.20 -16.82
N LEU A 227 -0.09 3.82 -15.55
CA LEU A 227 -1.20 3.59 -14.63
C LEU A 227 -1.85 4.91 -14.23
N LEU A 228 -1.07 6.00 -14.11
CA LEU A 228 -1.63 7.32 -13.88
C LEU A 228 -2.56 7.71 -15.03
N ARG A 229 -2.09 7.44 -16.25
CA ARG A 229 -2.83 7.81 -17.46
C ARG A 229 -4.10 6.96 -17.54
N ASP A 230 -4.02 5.65 -17.25
CA ASP A 230 -5.21 4.81 -17.24
C ASP A 230 -6.25 5.41 -16.30
N ASN A 231 -5.80 5.83 -15.11
CA ASN A 231 -6.74 6.37 -14.13
C ASN A 231 -7.35 7.66 -14.68
N LEU A 232 -6.52 8.55 -15.22
CA LEU A 232 -7.01 9.81 -15.78
C LEU A 232 -8.03 9.58 -16.89
N THR A 233 -7.88 8.50 -17.67
CA THR A 233 -8.83 8.19 -18.74
C THR A 233 -10.19 7.83 -18.14
N LEU A 234 -10.16 7.10 -17.03
CA LEU A 234 -11.37 6.70 -16.33
C LEU A 234 -12.05 7.92 -15.67
N TRP A 235 -11.24 8.84 -15.11
CA TRP A 235 -11.77 9.90 -14.26
C TRP A 235 -12.22 11.12 -15.07
N THR A 236 -11.63 11.33 -16.24
CA THR A 236 -11.93 12.51 -17.04
C THR A 236 -12.72 12.10 -18.29
N ARG B 1 -13.02 0.62 -11.95
CA ARG B 1 -12.51 1.58 -10.93
C ARG B 1 -11.00 1.76 -11.09
N ALA B 2 -10.51 2.85 -10.49
CA ALA B 2 -9.11 3.26 -10.54
C ALA B 2 -8.21 2.17 -9.98
N HIS B 3 -7.01 2.05 -10.55
CA HIS B 3 -6.02 1.11 -10.07
C HIS B 3 -5.02 1.88 -9.20
N SEP B 4 -4.70 1.29 -8.04
CA SEP B 4 -3.56 1.71 -7.24
CB SEP B 4 -3.84 1.44 -5.76
OG SEP B 4 -3.92 0.00 -5.55
C SEP B 4 -2.31 0.99 -7.73
O SEP B 4 -2.38 0.16 -8.62
P SEP B 4 -4.31 -0.53 -4.08
O1P SEP B 4 -5.65 0.02 -3.75
O2P SEP B 4 -4.37 -2.02 -4.22
O3P SEP B 4 -3.23 0.03 -3.16
N CYS B 5 -1.18 1.28 -7.13
CA CYS B 5 0.08 0.72 -7.54
C CYS B 5 0.09 -0.77 -7.19
N PRO B 6 0.39 -1.67 -8.15
CA PRO B 6 0.46 -3.13 -7.86
C PRO B 6 1.87 -3.62 -7.45
N ALA B 7 1.95 -4.85 -6.91
CA ALA B 7 3.15 -5.71 -7.02
C ALA B 7 4.40 -4.92 -7.46
N SER B 8 4.80 -5.01 -8.76
CA SER B 8 5.88 -4.21 -9.34
C SER B 8 7.17 -4.22 -8.51
N LEU B 9 7.11 -4.64 -7.24
CA LEU B 9 8.16 -4.37 -6.28
C LEU B 9 9.06 -5.60 -6.10
C1 TJI C . 7.88 0.35 -8.19
C2 TJI C . 7.49 1.16 -7.00
O1 TJI C . 6.19 0.74 -6.49
C3 TJI C . 5.52 1.66 -5.83
O2 TJI C . 5.92 2.77 -5.61
C4 TJI C . 4.11 1.24 -5.49
C5 TJI C . 3.83 1.28 -4.03
C6 TJI C . 3.59 0.01 -6.21
MG MG D . -40.16 -12.73 -1.38
CL CL E . -18.63 -16.23 10.48
CL CL F . 2.21 10.29 10.23
CL CL G . -0.72 -17.89 1.26
#